data_2QH6
#
_entry.id   2QH6
#
_cell.length_a   55.765
_cell.length_b   81.718
_cell.length_c   58.310
_cell.angle_alpha   90.000
_cell.angle_beta   109.900
_cell.angle_gamma   90.000
#
_symmetry.space_group_name_H-M   'P 1 21 1'
#
loop_
_entity.id
_entity.type
_entity.pdbx_description
1 polymer 'Estrogen receptor'
2 polymer 'Nuclear receptor coactivator 2'
3 non-polymer 'DIETHYL (1R,2S,3R,4S)-5,6-BIS(4-HYDROXYPHENYL)-7-OXABICYCLO[2.2.1]HEPT-5-ENE-2,3-DICARBOXYLATE'
4 water water
#
loop_
_entity_poly.entity_id
_entity_poly.type
_entity_poly.pdbx_seq_one_letter_code
_entity_poly.pdbx_strand_id
1 'polypeptide(L)'
;SIKRSKKNSLALSLTADQMVSALLDAEPPILYSEYDPTRPFSEASMMGLLTNLADRELVHMINWAKRVPGFVDLTLHDQV
HLLECAWLEILMIGLVWRSMEHPGKLLFAPNLLLDRNQGKCVEGMVEIFDMLLATSSRFRMMNLQGEEFVCLKSIILLNS
GVYTFLSSTLKSLEEKDHIHRVLDKITDTLIHLMAKAGLTLQQQHQRLAQLLLILSHIRHMSNKGMEHLYSMKCKNVVPL
SDLLLEMLDAHRLHAPTS
;
A,B
2 'polypeptide(L)' KHKILHRLLQDSS C,D
#
loop_
_chem_comp.id
_chem_comp.type
_chem_comp.name
_chem_comp.formula
ODE non-polymer 'DIETHYL (1R,2S,3R,4S)-5,6-BIS(4-HYDROXYPHENYL)-7-OXABICYCLO[2.2.1]HEPT-5-ENE-2,3-DICARBOXYLATE' 'C24 H24 O7'
#
# COMPACT_ATOMS: atom_id res chain seq x y z
N ASN A 8 24.80 -14.16 -7.81
CA ASN A 8 25.74 -13.51 -6.86
C ASN A 8 25.64 -14.08 -5.44
N SER A 9 26.43 -13.51 -4.51
CA SER A 9 25.99 -13.39 -3.15
C SER A 9 25.37 -12.08 -2.73
N LEU A 10 25.36 -11.75 -1.43
CA LEU A 10 26.07 -12.49 -0.39
C LEU A 10 25.26 -12.37 0.90
N ALA A 11 24.57 -11.24 1.05
CA ALA A 11 23.26 -11.21 1.69
C ALA A 11 22.59 -12.59 1.74
N LEU A 12 22.08 -13.04 0.60
CA LEU A 12 21.25 -14.25 0.56
C LEU A 12 21.99 -15.48 1.08
N SER A 13 22.94 -15.26 1.98
CA SER A 13 23.60 -16.35 2.68
C SER A 13 23.73 -16.02 4.19
N LEU A 14 22.94 -15.06 4.65
CA LEU A 14 22.96 -14.72 6.07
C LEU A 14 22.01 -15.61 6.85
N THR A 15 22.41 -15.98 8.08
CA THR A 15 21.43 -16.60 8.97
C THR A 15 20.38 -15.58 9.36
N ALA A 16 19.24 -16.10 9.80
CA ALA A 16 18.16 -15.26 10.20
C ALA A 16 18.58 -14.42 11.38
N ASP A 17 19.44 -14.99 12.22
CA ASP A 17 19.92 -14.26 13.38
C ASP A 17 20.95 -13.17 13.06
N GLN A 18 21.76 -13.37 12.02
CA GLN A 18 22.71 -12.34 11.71
C GLN A 18 22.14 -11.25 10.77
N MET A 19 21.01 -11.57 10.13
CA MET A 19 20.21 -10.61 9.36
C MET A 19 19.54 -9.58 10.27
N VAL A 20 18.86 -10.05 11.32
CA VAL A 20 18.35 -9.21 12.42
C VAL A 20 19.43 -8.27 12.94
N SER A 21 20.65 -8.80 13.13
CA SER A 21 21.79 -8.05 13.67
C SER A 21 22.37 -7.03 12.73
N ALA A 22 22.46 -7.37 11.45
CA ALA A 22 22.93 -6.42 10.44
C ALA A 22 22.02 -5.23 10.48
N LEU A 23 20.70 -5.49 10.48
CA LEU A 23 19.68 -4.44 10.47
C LEU A 23 19.62 -3.66 11.75
N LEU A 24 19.75 -4.31 12.91
CA LEU A 24 19.82 -3.57 14.19
C LEU A 24 21.01 -2.60 14.24
N ASP A 25 22.13 -3.03 13.64
CA ASP A 25 23.39 -2.28 13.64
C ASP A 25 23.33 -1.04 12.75
N ALA A 26 22.44 -1.06 11.76
CA ALA A 26 22.40 -0.04 10.74
C ALA A 26 21.38 1.07 11.08
N GLU A 27 20.53 0.79 12.07
CA GLU A 27 19.52 1.70 12.54
C GLU A 27 20.00 3.14 12.78
N PRO A 28 19.37 4.09 12.10
CA PRO A 28 19.86 5.44 12.31
C PRO A 28 19.43 5.91 13.69
N PRO A 29 20.07 6.98 14.22
CA PRO A 29 19.72 7.50 15.53
C PRO A 29 18.48 8.35 15.43
N ILE A 30 17.88 8.63 16.54
CA ILE A 30 16.74 9.50 16.53
C ILE A 30 17.29 10.90 16.64
N LEU A 31 17.03 11.71 15.64
CA LEU A 31 17.52 13.09 15.52
C LEU A 31 16.64 14.14 16.26
N TYR A 32 17.25 15.18 16.84
CA TYR A 32 16.50 16.20 17.54
C TYR A 32 16.09 17.27 16.64
N SER A 33 15.09 17.99 17.09
CA SER A 33 14.55 19.07 16.32
C SER A 33 15.30 20.37 16.69
N GLU A 34 15.29 21.33 15.77
CA GLU A 34 15.95 22.62 15.98
C GLU A 34 15.06 23.45 16.90
N TYR A 35 13.91 22.89 17.23
CA TYR A 35 12.79 23.62 17.83
C TYR A 35 13.10 24.46 19.11
N ASP A 36 12.36 25.58 19.25
CA ASP A 36 12.59 26.54 20.34
C ASP A 36 11.57 26.44 21.49
N ARG A 39 8.94 30.44 21.65
CA ARG A 39 8.64 30.44 20.19
C ARG A 39 7.34 29.70 19.90
N PRO A 40 6.23 30.46 19.74
CA PRO A 40 4.90 29.91 19.35
C PRO A 40 4.84 29.49 17.86
N PHE A 41 3.88 28.62 17.50
CA PHE A 41 3.86 27.98 16.19
C PHE A 41 2.88 28.55 15.13
N SER A 42 3.45 28.99 14.01
CA SER A 42 2.69 29.28 12.80
C SER A 42 2.69 28.01 11.95
N GLU A 43 1.99 28.05 10.81
CA GLU A 43 2.10 27.01 9.82
C GLU A 43 3.54 26.99 9.27
N ALA A 44 4.09 28.20 9.02
CA ALA A 44 5.48 28.40 8.57
C ALA A 44 6.52 27.82 9.53
N SER A 45 6.43 28.15 10.82
CA SER A 45 7.42 27.66 11.79
C SER A 45 7.38 26.13 11.85
N MET A 46 6.19 25.58 11.96
CA MET A 46 6.05 24.16 12.09
C MET A 46 6.57 23.42 10.88
N MET A 47 6.32 23.96 9.70
CA MET A 47 6.70 23.30 8.50
C MET A 47 8.18 23.44 8.16
N GLY A 48 8.84 24.45 8.70
CA GLY A 48 10.25 24.64 8.47
C GLY A 48 11.01 23.72 9.41
N LEU A 49 10.39 23.48 10.58
CA LEU A 49 10.87 22.49 11.53
C LEU A 49 10.82 21.07 10.96
N LEU A 50 9.68 20.67 10.39
CA LEU A 50 9.56 19.33 9.84
C LEU A 50 10.48 19.11 8.68
N THR A 51 10.64 20.13 7.85
CA THR A 51 11.52 20.00 6.71
C THR A 51 13.03 20.03 7.11
N ASN A 52 13.37 20.68 8.22
CA ASN A 52 14.73 20.67 8.68
C ASN A 52 15.10 19.25 9.17
N LEU A 53 14.23 18.72 10.01
CA LEU A 53 14.35 17.41 10.60
C LEU A 53 14.37 16.35 9.53
N ALA A 54 13.46 16.46 8.58
CA ALA A 54 13.32 15.42 7.57
C ALA A 54 14.50 15.37 6.67
N ASP A 55 15.02 16.55 6.34
CA ASP A 55 16.19 16.69 5.48
C ASP A 55 17.37 15.98 6.13
N ARG A 56 17.54 16.25 7.42
CA ARG A 56 18.61 15.58 8.12
C ARG A 56 18.35 14.05 8.24
N GLU A 57 17.09 13.64 8.37
CA GLU A 57 16.77 12.21 8.51
C GLU A 57 17.04 11.49 7.23
N LEU A 58 16.79 12.19 6.14
CA LEU A 58 17.04 11.63 4.84
C LEU A 58 18.48 11.25 4.67
N VAL A 59 19.43 12.09 5.11
CA VAL A 59 20.86 11.77 4.93
C VAL A 59 21.21 10.47 5.68
N HIS A 60 20.59 10.25 6.81
CA HIS A 60 20.87 9.07 7.57
C HIS A 60 20.25 7.89 6.88
N MET A 61 19.09 8.12 6.28
CA MET A 61 18.39 7.05 5.62
C MET A 61 19.18 6.53 4.45
N ILE A 62 19.80 7.42 3.68
CA ILE A 62 20.61 7.01 2.53
C ILE A 62 21.69 6.10 3.03
N ASN A 63 22.42 6.53 4.05
CA ASN A 63 23.47 5.72 4.60
C ASN A 63 22.96 4.42 5.18
N TRP A 64 21.82 4.49 5.84
CA TRP A 64 21.21 3.30 6.36
C TRP A 64 20.81 2.32 5.26
N ALA A 65 20.24 2.81 4.19
CA ALA A 65 19.88 1.96 3.05
C ALA A 65 21.09 1.15 2.65
N LYS A 66 22.26 1.80 2.60
CA LYS A 66 23.45 1.11 2.07
C LYS A 66 23.85 -0.05 2.93
N ARG A 67 23.33 -0.06 4.16
CA ARG A 67 23.64 -1.13 5.12
C ARG A 67 22.57 -2.21 5.17
N VAL A 68 21.52 -2.01 4.38
CA VAL A 68 20.49 -3.01 4.20
C VAL A 68 21.10 -4.05 3.30
N PRO A 69 21.31 -5.25 3.84
CA PRO A 69 22.05 -6.25 3.11
C PRO A 69 21.38 -6.51 1.79
N GLY A 70 22.11 -6.36 0.69
CA GLY A 70 21.56 -6.61 -0.63
C GLY A 70 21.37 -5.37 -1.46
N PHE A 71 21.13 -4.25 -0.75
CA PHE A 71 20.88 -2.97 -1.37
C PHE A 71 22.06 -2.60 -2.27
N VAL A 72 23.28 -2.70 -1.73
CA VAL A 72 24.52 -2.26 -2.39
C VAL A 72 24.98 -3.11 -3.60
N ASP A 73 24.39 -4.30 -3.77
CA ASP A 73 24.57 -5.13 -4.96
C ASP A 73 23.80 -4.57 -6.14
N LEU A 74 22.71 -3.89 -5.85
CA LEU A 74 21.90 -3.26 -6.87
C LEU A 74 22.67 -2.16 -7.62
N THR A 75 22.16 -1.77 -8.79
CA THR A 75 22.83 -0.72 -9.52
C THR A 75 22.41 0.65 -8.99
N LEU A 76 23.38 1.55 -8.90
CA LEU A 76 23.16 2.88 -8.42
C LEU A 76 21.81 3.44 -8.87
N HIS A 77 21.43 3.22 -10.14
CA HIS A 77 20.18 3.82 -10.61
C HIS A 77 18.93 3.17 -9.99
N ASP A 78 19.03 1.86 -9.73
CA ASP A 78 18.02 1.16 -8.94
C ASP A 78 18.02 1.59 -7.46
N GLN A 79 19.20 1.77 -6.89
CA GLN A 79 19.31 2.36 -5.55
C GLN A 79 18.55 3.72 -5.44
N VAL A 80 18.77 4.59 -6.41
CA VAL A 80 18.11 5.87 -6.51
C VAL A 80 16.58 5.76 -6.58
N HIS A 81 16.09 4.76 -7.32
CA HIS A 81 14.66 4.57 -7.56
C HIS A 81 13.96 4.07 -6.34
N LEU A 82 14.60 3.10 -5.68
CA LEU A 82 14.01 2.51 -4.53
C LEU A 82 13.94 3.55 -3.45
N LEU A 83 14.99 4.33 -3.31
CA LEU A 83 15.01 5.34 -2.27
C LEU A 83 14.02 6.47 -2.56
N GLU A 84 13.90 6.84 -3.84
CA GLU A 84 12.96 7.84 -4.33
C GLU A 84 11.49 7.44 -4.20
N CYS A 85 11.19 6.16 -4.31
CA CYS A 85 9.88 5.65 -3.97
C CYS A 85 9.62 5.55 -2.49
N ALA A 86 10.57 4.98 -1.74
CA ALA A 86 10.44 4.63 -0.35
C ALA A 86 10.60 5.75 0.68
N TRP A 87 11.30 6.83 0.32
CA TRP A 87 11.68 7.83 1.34
C TRP A 87 10.62 8.24 2.30
N LEU A 88 9.45 8.66 1.89
CA LEU A 88 8.49 9.19 2.90
C LEU A 88 7.73 8.11 3.65
N GLU A 89 7.75 6.89 3.12
CA GLU A 89 7.20 5.73 3.82
C GLU A 89 8.15 5.46 4.89
N ILE A 90 9.45 5.43 4.58
CA ILE A 90 10.44 5.15 5.61
C ILE A 90 10.39 6.15 6.78
N LEU A 91 10.37 7.44 6.49
CA LEU A 91 10.16 8.41 7.55
C LEU A 91 8.83 8.15 8.28
N MET A 92 7.74 7.86 7.56
CA MET A 92 6.49 7.63 8.31
C MET A 92 6.59 6.42 9.22
N ILE A 93 7.12 5.31 8.72
CA ILE A 93 7.10 4.12 9.53
C ILE A 93 7.92 4.43 10.78
N GLY A 94 9.00 5.21 10.61
CA GLY A 94 9.96 5.62 11.67
C GLY A 94 9.26 6.50 12.70
N LEU A 95 8.45 7.44 12.21
CA LEU A 95 7.68 8.31 13.11
C LEU A 95 6.68 7.45 13.91
N VAL A 96 5.92 6.66 13.20
CA VAL A 96 4.95 5.80 13.80
C VAL A 96 5.62 4.99 14.89
N TRP A 97 6.68 4.28 14.54
CA TRP A 97 7.38 3.45 15.53
C TRP A 97 7.89 4.17 16.77
N ARG A 98 8.41 5.37 16.65
CA ARG A 98 8.92 6.01 17.85
C ARG A 98 7.82 6.73 18.62
N SER A 99 6.69 6.96 17.97
CA SER A 99 5.49 7.54 18.60
C SER A 99 4.71 6.46 19.33
N MET A 100 5.20 5.24 19.24
CA MET A 100 4.45 4.11 19.78
C MET A 100 4.02 4.19 21.23
N GLU A 101 4.84 4.79 22.10
CA GLU A 101 4.53 4.95 23.54
C GLU A 101 4.02 6.35 23.88
N HIS A 102 3.29 6.99 22.96
CA HIS A 102 2.77 8.33 23.20
C HIS A 102 1.39 8.42 22.58
N PRO A 103 0.45 7.64 23.11
CA PRO A 103 -0.84 7.51 22.47
C PRO A 103 -1.41 8.89 22.21
N GLY A 104 -1.95 9.10 21.00
CA GLY A 104 -2.60 10.36 20.63
C GLY A 104 -1.59 11.37 20.10
N LYS A 105 -0.31 11.03 20.26
CA LYS A 105 0.75 11.94 19.98
C LYS A 105 1.77 11.33 19.02
N LEU A 106 2.31 12.18 18.16
CA LEU A 106 3.36 11.81 17.24
C LEU A 106 4.68 12.34 17.72
N LEU A 107 5.66 11.47 17.88
CA LEU A 107 6.97 11.96 18.32
C LEU A 107 7.88 12.25 17.14
N PHE A 108 7.73 13.42 16.56
CA PHE A 108 8.62 13.83 15.51
C PHE A 108 10.06 13.77 15.96
N ALA A 109 10.37 14.40 17.10
CA ALA A 109 11.69 14.31 17.71
C ALA A 109 11.44 14.29 19.19
N PRO A 110 12.44 13.87 20.00
CA PRO A 110 12.32 13.90 21.44
C PRO A 110 11.85 15.23 22.02
N ASN A 111 12.20 16.31 21.36
CA ASN A 111 11.78 17.66 21.78
C ASN A 111 10.71 18.24 20.85
N LEU A 112 10.04 17.41 20.06
CA LEU A 112 8.96 17.86 19.20
C LEU A 112 7.92 16.75 19.13
N LEU A 113 6.99 16.84 20.05
CA LEU A 113 5.92 15.90 20.18
C LEU A 113 4.63 16.66 19.87
N LEU A 114 3.96 16.30 18.78
CA LEU A 114 2.77 17.01 18.35
C LEU A 114 1.53 16.30 18.82
N ASP A 115 0.54 17.06 19.25
CA ASP A 115 -0.73 16.45 19.60
C ASP A 115 -1.69 16.66 18.42
N ARG A 116 -2.74 15.85 18.38
CA ARG A 116 -3.76 15.95 17.37
C ARG A 116 -3.92 17.38 16.81
N ASN A 117 -4.10 18.35 17.72
CA ASN A 117 -4.58 19.68 17.33
C ASN A 117 -3.53 20.74 16.94
N GLN A 118 -2.26 20.43 17.14
CA GLN A 118 -1.23 21.17 16.50
C GLN A 118 -1.19 20.80 15.03
N GLY A 119 -1.72 19.64 14.70
CA GLY A 119 -1.77 19.22 13.31
C GLY A 119 -2.46 20.26 12.43
N LYS A 120 -3.54 20.86 12.97
CA LYS A 120 -4.41 21.73 12.18
C LYS A 120 -3.79 23.02 11.59
N CYS A 121 -2.64 23.46 12.10
CA CYS A 121 -1.91 24.61 11.51
C CYS A 121 -1.77 24.47 10.01
N VAL A 122 -1.45 23.26 9.56
CA VAL A 122 -1.24 22.97 8.14
C VAL A 122 -2.45 22.27 7.53
N GLU A 123 -2.73 22.63 6.28
CA GLU A 123 -3.91 22.15 5.56
C GLU A 123 -3.79 20.67 5.28
N GLY A 124 -4.75 19.91 5.77
CA GLY A 124 -4.87 18.48 5.47
C GLY A 124 -3.80 17.65 6.10
N MET A 125 -3.12 18.25 7.06
CA MET A 125 -2.13 17.57 7.85
C MET A 125 -2.83 16.76 8.92
N VAL A 126 -3.98 17.22 9.39
CA VAL A 126 -4.67 16.51 10.45
C VAL A 126 -5.10 15.13 9.98
N GLU A 127 -5.62 15.03 8.77
CA GLU A 127 -6.11 13.75 8.26
C GLU A 127 -4.99 12.70 8.30
N ILE A 128 -3.78 13.11 7.88
CA ILE A 128 -2.61 12.25 7.85
C ILE A 128 -2.23 11.91 9.27
N PHE A 129 -2.07 12.96 10.08
CA PHE A 129 -1.95 12.84 11.53
C PHE A 129 -2.76 11.67 12.08
N ASP A 130 -4.07 11.66 11.85
CA ASP A 130 -4.92 10.58 12.34
C ASP A 130 -4.51 9.24 11.76
N MET A 131 -4.21 9.21 10.46
CA MET A 131 -3.79 7.96 9.80
C MET A 131 -2.57 7.35 10.49
N LEU A 132 -1.58 8.20 10.79
CA LEU A 132 -0.38 7.78 11.53
C LEU A 132 -0.73 7.29 12.93
N LEU A 133 -1.71 7.98 13.55
CA LEU A 133 -2.18 7.64 14.89
C LEU A 133 -2.84 6.29 14.91
N ALA A 134 -3.78 6.09 13.99
CA ALA A 134 -4.33 4.76 13.73
C ALA A 134 -3.24 3.66 13.59
N THR A 135 -2.14 3.96 12.89
CA THR A 135 -1.07 2.99 12.62
C THR A 135 -0.27 2.70 13.89
N SER A 136 -0.02 3.76 14.64
CA SER A 136 0.71 3.74 15.90
C SER A 136 -0.05 2.90 16.91
N SER A 137 -1.37 3.12 16.93
CA SER A 137 -2.27 2.39 17.78
C SER A 137 -2.21 0.92 17.45
N ARG A 138 -2.21 0.63 16.14
CA ARG A 138 -2.11 -0.74 15.67
C ARG A 138 -0.80 -1.41 16.12
N PHE A 139 0.32 -0.71 15.99
CA PHE A 139 1.60 -1.30 16.30
C PHE A 139 1.64 -1.66 17.74
N ARG A 140 1.09 -0.75 18.54
CA ARG A 140 0.92 -0.92 19.96
C ARG A 140 0.01 -2.09 20.27
N MET A 141 -1.14 -2.15 19.62
CA MET A 141 -2.07 -3.22 19.91
C MET A 141 -1.52 -4.59 19.50
N MET A 142 -0.49 -4.64 18.65
CA MET A 142 0.13 -5.92 18.33
C MET A 142 1.45 -6.07 19.06
N ASN A 143 1.91 -5.00 19.67
CA ASN A 143 3.22 -5.00 20.28
C ASN A 143 4.36 -5.28 19.31
N LEU A 144 4.48 -4.42 18.30
CA LEU A 144 5.52 -4.57 17.31
C LEU A 144 6.85 -4.55 18.05
N GLN A 145 7.83 -5.33 17.57
CA GLN A 145 9.10 -5.50 18.26
C GLN A 145 10.18 -4.87 17.41
N GLY A 146 11.17 -4.27 18.08
CA GLY A 146 12.28 -3.55 17.44
C GLY A 146 12.87 -4.30 16.27
N GLU A 147 12.84 -5.63 16.40
CA GLU A 147 13.48 -6.47 15.45
C GLU A 147 12.56 -6.72 14.29
N GLU A 148 11.24 -6.69 14.55
CA GLU A 148 10.23 -6.82 13.49
C GLU A 148 10.19 -5.54 12.72
N PHE A 149 10.25 -4.45 13.46
CA PHE A 149 10.28 -3.11 12.91
C PHE A 149 11.31 -2.90 11.82
N VAL A 150 12.53 -3.40 12.00
CA VAL A 150 13.60 -3.15 11.08
C VAL A 150 13.51 -4.04 9.90
N CYS A 151 12.89 -5.20 10.05
CA CYS A 151 12.59 -6.00 8.86
C CYS A 151 11.60 -5.23 7.98
N LEU A 152 10.52 -4.76 8.62
CA LEU A 152 9.50 -3.94 7.98
C LEU A 152 10.10 -2.74 7.31
N LYS A 153 10.88 -1.98 8.07
CA LYS A 153 11.48 -0.80 7.49
C LYS A 153 12.25 -1.21 6.21
N SER A 154 12.92 -2.34 6.22
CA SER A 154 13.71 -2.71 5.06
C SER A 154 12.86 -3.39 3.96
N ILE A 155 11.71 -3.94 4.32
CA ILE A 155 10.77 -4.38 3.26
C ILE A 155 10.28 -3.17 2.45
N ILE A 156 9.82 -2.15 3.17
CA ILE A 156 9.47 -0.90 2.54
C ILE A 156 10.50 -0.51 1.49
N LEU A 157 11.76 -0.34 1.89
CA LEU A 157 12.76 0.12 0.98
C LEU A 157 12.81 -0.82 -0.23
N LEU A 158 12.83 -2.11 -0.01
CA LEU A 158 13.00 -3.03 -1.12
C LEU A 158 11.76 -3.19 -1.97
N ASN A 159 10.58 -2.99 -1.36
CA ASN A 159 9.33 -3.30 -2.03
C ASN A 159 8.72 -2.10 -2.71
N SER A 160 8.98 -0.92 -2.21
CA SER A 160 8.16 0.20 -2.63
C SER A 160 8.28 0.51 -4.10
N GLY A 161 9.48 0.39 -4.64
CA GLY A 161 9.61 0.75 -6.00
C GLY A 161 10.00 -0.39 -6.88
N VAL A 162 9.77 -1.64 -6.43
CA VAL A 162 10.15 -2.82 -7.23
C VAL A 162 9.25 -3.10 -8.49
N TYR A 163 7.95 -2.79 -8.41
CA TYR A 163 7.00 -3.06 -9.51
C TYR A 163 6.81 -1.87 -10.45
N THR A 164 7.64 -0.83 -10.25
CA THR A 164 7.65 0.41 -11.05
C THR A 164 9.02 0.52 -11.72
N PHE A 165 9.71 -0.62 -11.79
CA PHE A 165 10.89 -0.78 -12.63
C PHE A 165 10.49 -0.90 -14.09
N LYS A 176 15.39 -7.35 -11.01
CA LYS A 176 14.09 -7.76 -10.46
C LYS A 176 14.24 -8.94 -9.48
N ASP A 177 15.00 -9.97 -9.87
CA ASP A 177 15.04 -11.17 -9.07
C ASP A 177 16.00 -11.18 -7.89
N HIS A 178 16.92 -10.24 -7.88
CA HIS A 178 17.73 -10.12 -6.70
C HIS A 178 16.91 -9.53 -5.52
N ILE A 179 16.07 -8.55 -5.82
CA ILE A 179 15.20 -7.91 -4.86
C ILE A 179 14.23 -8.92 -4.24
N HIS A 180 13.77 -9.86 -5.06
CA HIS A 180 12.80 -10.82 -4.56
C HIS A 180 13.45 -11.90 -3.71
N ARG A 181 14.68 -12.26 -4.02
CA ARG A 181 15.38 -13.16 -3.14
C ARG A 181 15.59 -12.52 -1.76
N VAL A 182 15.99 -11.25 -1.73
CA VAL A 182 16.27 -10.58 -0.47
C VAL A 182 14.98 -10.50 0.37
N LEU A 183 13.88 -10.16 -0.29
CA LEU A 183 12.59 -10.08 0.34
C LEU A 183 12.18 -11.40 1.00
N ASP A 184 12.50 -12.53 0.35
CA ASP A 184 12.15 -13.86 0.87
C ASP A 184 13.03 -14.02 2.12
N LYS A 185 14.28 -13.54 2.03
CA LYS A 185 15.18 -13.57 3.18
C LYS A 185 14.59 -12.76 4.33
N ILE A 186 14.01 -11.62 4.04
CA ILE A 186 13.50 -10.78 5.12
C ILE A 186 12.25 -11.41 5.75
N THR A 187 11.49 -12.11 4.94
CA THR A 187 10.32 -12.81 5.42
C THR A 187 10.66 -13.98 6.32
N ASP A 188 11.73 -14.71 5.97
CA ASP A 188 12.18 -15.83 6.75
C ASP A 188 12.59 -15.25 8.06
N THR A 189 13.33 -14.14 7.99
CA THR A 189 13.80 -13.47 9.16
C THR A 189 12.61 -13.11 10.04
N LEU A 190 11.60 -12.48 9.44
CA LEU A 190 10.43 -12.10 10.20
C LEU A 190 9.80 -13.31 10.90
N ILE A 191 9.67 -14.40 10.15
CA ILE A 191 9.16 -15.63 10.68
C ILE A 191 10.11 -16.26 11.74
N HIS A 192 11.42 -16.23 11.50
CA HIS A 192 12.39 -16.68 12.55
C HIS A 192 12.02 -15.95 13.87
N LEU A 193 12.04 -14.62 13.86
CA LEU A 193 11.55 -13.84 15.00
C LEU A 193 10.27 -14.33 15.73
N MET A 194 9.23 -14.65 15.00
CA MET A 194 7.98 -15.05 15.59
C MET A 194 8.07 -16.51 16.10
N ALA A 195 8.82 -17.35 15.38
CA ALA A 195 9.05 -18.70 15.88
C ALA A 195 9.79 -18.62 17.24
N LYS A 196 10.80 -17.75 17.30
CA LYS A 196 11.53 -17.45 18.56
C LYS A 196 10.62 -16.89 19.65
N ALA A 197 9.74 -15.95 19.34
CA ALA A 197 8.87 -15.46 20.40
C ALA A 197 7.91 -16.55 20.87
N GLY A 198 8.02 -17.74 20.27
CA GLY A 198 7.21 -18.89 20.64
C GLY A 198 5.78 -18.85 20.16
N LEU A 199 5.54 -18.25 19.00
CA LEU A 199 4.22 -18.22 18.40
C LEU A 199 3.99 -19.54 17.64
N THR A 200 2.80 -20.11 17.71
CA THR A 200 2.51 -21.31 16.97
C THR A 200 2.52 -20.92 15.49
N LEU A 201 2.75 -21.91 14.62
CA LEU A 201 2.76 -21.75 13.18
C LEU A 201 1.61 -20.96 12.64
N GLN A 202 0.39 -21.25 13.10
CA GLN A 202 -0.78 -20.53 12.63
C GLN A 202 -0.71 -19.06 12.99
N GLN A 203 -0.26 -18.76 14.21
CA GLN A 203 -0.19 -17.36 14.58
C GLN A 203 1.03 -16.62 14.02
N GLN A 204 2.03 -17.36 13.62
CA GLN A 204 3.10 -16.81 12.82
C GLN A 204 2.57 -16.37 11.47
N HIS A 205 1.78 -17.23 10.81
CA HIS A 205 1.32 -16.80 9.51
C HIS A 205 0.35 -15.65 9.60
N GLN A 206 -0.45 -15.61 10.66
CA GLN A 206 -1.40 -14.52 10.89
C GLN A 206 -0.69 -13.22 11.20
N ARG A 207 0.36 -13.28 12.02
CA ARG A 207 1.11 -12.09 12.38
C ARG A 207 1.81 -11.45 11.20
N LEU A 208 2.42 -12.27 10.36
CA LEU A 208 3.09 -11.79 9.23
C LEU A 208 2.07 -11.08 8.36
N ALA A 209 0.91 -11.68 8.18
CA ALA A 209 -0.14 -11.09 7.36
C ALA A 209 -0.50 -9.73 7.93
N GLN A 210 -0.89 -9.66 9.22
CA GLN A 210 -1.18 -8.41 9.90
C GLN A 210 -0.05 -7.39 9.72
N LEU A 211 1.22 -7.82 9.79
CA LEU A 211 2.29 -6.83 9.61
C LEU A 211 2.42 -6.31 8.23
N LEU A 212 2.36 -7.17 7.22
CA LEU A 212 2.41 -6.72 5.81
C LEU A 212 1.18 -5.90 5.37
N LEU A 213 0.01 -6.11 5.97
CA LEU A 213 -1.13 -5.34 5.52
C LEU A 213 -1.00 -3.86 5.92
N ILE A 214 -0.21 -3.64 6.96
CA ILE A 214 0.04 -2.30 7.48
C ILE A 214 0.80 -1.52 6.48
N LEU A 215 1.71 -2.21 5.76
CA LEU A 215 2.52 -1.60 4.68
C LEU A 215 1.62 -0.90 3.68
N SER A 216 0.47 -1.45 3.32
CA SER A 216 -0.42 -0.74 2.42
C SER A 216 -0.86 0.55 3.06
N HIS A 217 -1.15 0.55 4.38
CA HIS A 217 -1.64 1.79 4.98
C HIS A 217 -0.45 2.76 4.87
N ILE A 218 0.78 2.28 5.05
CA ILE A 218 1.93 3.18 4.98
C ILE A 218 2.08 3.76 3.57
N ARG A 219 1.79 2.95 2.55
CA ARG A 219 1.89 3.48 1.21
C ARG A 219 0.85 4.60 1.03
N HIS A 220 -0.38 4.29 1.40
CA HIS A 220 -1.46 5.23 1.37
C HIS A 220 -1.09 6.57 2.01
N MET A 221 -0.47 6.55 3.18
CA MET A 221 -0.21 7.78 3.89
C MET A 221 0.90 8.53 3.23
N SER A 222 1.85 7.78 2.68
CA SER A 222 2.98 8.40 2.05
C SER A 222 2.46 9.13 0.83
N ASN A 223 1.56 8.46 0.07
CA ASN A 223 0.96 8.98 -1.14
C ASN A 223 0.20 10.28 -0.89
N LYS A 224 -0.51 10.31 0.23
CA LYS A 224 -1.23 11.47 0.64
C LYS A 224 -0.28 12.56 1.12
N GLY A 225 0.71 12.21 1.95
CA GLY A 225 1.60 13.21 2.47
C GLY A 225 2.34 13.83 1.32
N MET A 226 2.63 12.99 0.30
CA MET A 226 3.36 13.41 -0.85
C MET A 226 2.65 14.48 -1.62
N GLU A 227 1.35 14.31 -1.85
CA GLU A 227 0.57 15.23 -2.67
C GLU A 227 0.38 16.52 -1.89
N HIS A 228 0.38 16.45 -0.56
CA HIS A 228 0.22 17.66 0.21
C HIS A 228 1.53 18.41 0.26
N LEU A 229 2.63 17.68 0.39
CA LEU A 229 3.95 18.25 0.18
C LEU A 229 4.01 18.95 -1.17
N TYR A 230 3.41 18.37 -2.19
CA TYR A 230 3.48 18.98 -3.49
C TYR A 230 2.71 20.28 -3.48
N SER A 231 1.54 20.28 -2.92
CA SER A 231 0.74 21.49 -2.84
C SER A 231 1.33 22.56 -1.92
N MET A 232 2.07 22.17 -0.89
CA MET A 232 2.82 23.07 0.00
C MET A 232 3.92 23.84 -0.73
N LYS A 233 4.62 23.15 -1.63
CA LYS A 233 5.69 23.74 -2.39
C LYS A 233 5.14 24.85 -3.27
N CYS A 234 3.87 24.73 -3.65
CA CYS A 234 3.17 25.80 -4.36
C CYS A 234 2.75 26.91 -3.40
N LYS A 235 1.88 26.56 -2.45
CA LYS A 235 1.53 27.42 -1.28
C LYS A 235 2.75 28.29 -0.88
N ASN A 236 3.85 27.63 -0.51
CA ASN A 236 5.14 28.29 -0.33
C ASN A 236 5.16 29.28 0.84
N VAL A 238 6.94 27.67 3.06
CA VAL A 238 8.29 27.33 3.50
C VAL A 238 9.18 26.85 2.33
N PRO A 239 10.45 27.28 2.29
CA PRO A 239 11.36 26.73 1.27
C PRO A 239 11.82 25.32 1.63
N LEU A 240 11.80 24.42 0.65
CA LEU A 240 12.27 23.08 0.88
C LEU A 240 13.77 22.95 0.55
N SER A 241 14.42 21.97 1.17
CA SER A 241 15.84 21.70 0.87
C SER A 241 15.94 21.22 -0.54
N ASP A 242 17.14 21.32 -1.10
CA ASP A 242 17.44 20.80 -2.43
C ASP A 242 17.27 19.28 -2.53
N LEU A 243 17.73 18.57 -1.50
CA LEU A 243 17.55 17.12 -1.48
C LEU A 243 16.07 16.79 -1.44
N LEU A 244 15.31 17.61 -0.72
CA LEU A 244 13.92 17.34 -0.57
C LEU A 244 13.13 17.69 -1.81
N LEU A 245 13.54 18.72 -2.53
CA LEU A 245 12.83 19.07 -3.76
C LEU A 245 13.01 17.93 -4.74
N GLU A 246 14.22 17.39 -4.80
CA GLU A 246 14.55 16.34 -5.74
C GLU A 246 13.75 15.06 -5.47
N MET A 247 13.72 14.63 -4.21
CA MET A 247 12.96 13.46 -3.78
C MET A 247 11.48 13.61 -4.15
N LEU A 248 11.00 14.84 -4.12
CA LEU A 248 9.61 15.11 -4.34
C LEU A 248 9.30 15.17 -5.79
N ASP A 249 10.27 15.63 -6.59
CA ASP A 249 10.03 15.84 -8.02
C ASP A 249 10.02 14.52 -8.74
N ALA A 250 10.39 13.46 -8.03
CA ALA A 250 10.34 12.10 -8.58
C ALA A 250 8.94 11.50 -8.66
N HIS A 251 7.96 12.10 -7.97
CA HIS A 251 6.60 11.55 -7.87
C HIS A 251 5.62 12.42 -8.69
N ARG A 252 6.20 13.40 -9.39
CA ARG A 252 5.47 14.29 -10.28
C ARG A 252 5.85 13.86 -11.70
N SER B 9 -20.66 -15.10 15.07
CA SER B 9 -19.74 -15.07 13.88
C SER B 9 -19.71 -16.34 13.04
N LEU B 10 -20.56 -16.35 12.00
CA LEU B 10 -20.70 -17.50 11.08
C LEU B 10 -19.48 -17.65 10.18
N ALA B 11 -18.99 -16.51 9.69
CA ALA B 11 -17.77 -16.47 8.92
C ALA B 11 -16.51 -16.89 9.71
N LEU B 12 -16.55 -16.78 11.04
CA LEU B 12 -15.39 -17.25 11.84
C LEU B 12 -15.27 -18.78 11.94
N SER B 13 -16.41 -19.45 11.89
CA SER B 13 -16.47 -20.91 11.88
C SER B 13 -16.81 -21.37 10.48
N LEU B 14 -15.89 -21.17 9.57
CA LEU B 14 -15.94 -21.87 8.29
C LEU B 14 -14.62 -22.54 8.18
N THR B 15 -14.59 -23.69 7.54
CA THR B 15 -13.34 -24.27 7.11
C THR B 15 -12.79 -23.40 5.99
N ALA B 16 -11.48 -23.50 5.78
CA ALA B 16 -10.80 -22.93 4.64
C ALA B 16 -11.56 -23.30 3.37
N ASP B 17 -11.97 -24.57 3.28
CA ASP B 17 -12.62 -25.10 2.10
C ASP B 17 -13.96 -24.46 1.81
N GLN B 18 -14.77 -24.25 2.85
CA GLN B 18 -16.02 -23.57 2.61
C GLN B 18 -15.89 -22.04 2.50
N MET B 19 -14.82 -21.47 3.04
CA MET B 19 -14.48 -20.05 2.79
C MET B 19 -14.20 -19.77 1.31
N VAL B 20 -13.29 -20.55 0.74
CA VAL B 20 -12.94 -20.44 -0.70
C VAL B 20 -14.13 -20.57 -1.63
N SER B 21 -15.06 -21.48 -1.31
CA SER B 21 -16.28 -21.66 -2.09
C SER B 21 -17.26 -20.49 -2.04
N ALA B 22 -17.47 -19.92 -0.86
CA ALA B 22 -18.29 -18.73 -0.77
C ALA B 22 -17.71 -17.66 -1.70
N LEU B 23 -16.47 -17.26 -1.45
CA LEU B 23 -15.78 -16.28 -2.30
C LEU B 23 -15.95 -16.63 -3.74
N LEU B 24 -15.67 -17.87 -4.13
CA LEU B 24 -15.94 -18.30 -5.51
C LEU B 24 -17.41 -18.08 -5.97
N ASP B 25 -18.38 -18.51 -5.17
CA ASP B 25 -19.79 -18.35 -5.52
C ASP B 25 -20.09 -16.87 -5.74
N ALA B 26 -19.46 -16.00 -4.94
CA ALA B 26 -19.84 -14.59 -4.95
C ALA B 26 -19.09 -13.79 -5.97
N GLU B 27 -18.15 -14.37 -6.72
CA GLU B 27 -17.49 -13.63 -7.81
C GLU B 27 -18.56 -12.87 -8.62
N PRO B 28 -18.32 -11.59 -8.93
CA PRO B 28 -19.18 -10.74 -9.72
C PRO B 28 -19.02 -11.15 -11.18
N PRO B 29 -20.01 -10.83 -12.04
CA PRO B 29 -19.93 -11.18 -13.45
C PRO B 29 -18.98 -10.30 -14.21
N ILE B 30 -18.52 -10.78 -15.35
CA ILE B 30 -17.75 -9.93 -16.24
C ILE B 30 -18.69 -9.10 -17.14
N LEU B 31 -18.47 -7.80 -17.23
CA LEU B 31 -19.34 -6.92 -17.96
C LEU B 31 -18.73 -6.52 -19.32
N TYR B 32 -19.56 -6.12 -20.29
CA TYR B 32 -19.03 -5.67 -21.53
C TYR B 32 -18.96 -4.13 -21.56
N SER B 33 -17.98 -3.62 -22.29
CA SER B 33 -17.90 -2.20 -22.55
C SER B 33 -19.05 -1.88 -23.48
N GLU B 34 -19.55 -0.66 -23.52
CA GLU B 34 -20.65 -0.46 -24.43
C GLU B 34 -20.06 -0.16 -25.81
N TYR B 35 -18.77 -0.44 -25.94
CA TYR B 35 -18.01 -0.16 -27.14
C TYR B 35 -18.83 -0.33 -28.47
N ASP B 36 -18.53 0.59 -29.39
CA ASP B 36 -19.03 0.61 -30.75
C ASP B 36 -17.93 0.12 -31.73
N PHE B 41 -11.09 6.79 -31.15
CA PHE B 41 -10.62 6.87 -29.78
C PHE B 41 -9.94 8.23 -29.48
N SER B 42 -10.28 8.75 -28.33
CA SER B 42 -9.97 10.10 -27.95
C SER B 42 -9.82 10.03 -26.43
N GLU B 43 -9.16 11.03 -25.88
CA GLU B 43 -9.17 11.19 -24.44
C GLU B 43 -10.57 11.14 -23.88
N ALA B 44 -11.48 11.90 -24.47
CA ALA B 44 -12.86 11.84 -23.99
C ALA B 44 -13.59 10.49 -24.26
N SER B 45 -13.50 9.95 -25.46
CA SER B 45 -14.14 8.68 -25.73
C SER B 45 -13.57 7.54 -24.89
N MET B 46 -12.31 7.67 -24.49
CA MET B 46 -11.72 6.63 -23.64
C MET B 46 -12.30 6.72 -22.25
N MET B 47 -12.24 7.89 -21.65
CA MET B 47 -12.77 8.03 -20.32
C MET B 47 -14.27 7.75 -20.22
N GLY B 48 -15.00 7.95 -21.33
CA GLY B 48 -16.43 7.64 -21.32
C GLY B 48 -16.63 6.14 -21.12
N LEU B 49 -15.95 5.33 -21.96
CA LEU B 49 -16.09 3.91 -21.93
C LEU B 49 -15.68 3.39 -20.57
N LEU B 50 -14.51 3.85 -20.11
CA LEU B 50 -14.01 3.45 -18.80
C LEU B 50 -14.96 3.85 -17.67
N THR B 51 -15.56 5.05 -17.75
CA THR B 51 -16.49 5.55 -16.72
C THR B 51 -17.78 4.77 -16.68
N ASN B 52 -18.34 4.54 -17.86
CA ASN B 52 -19.54 3.75 -18.04
C ASN B 52 -19.35 2.36 -17.50
N LEU B 53 -18.24 1.74 -17.88
CA LEU B 53 -17.87 0.41 -17.37
C LEU B 53 -17.70 0.35 -15.87
N ALA B 54 -16.92 1.28 -15.32
CA ALA B 54 -16.62 1.26 -13.88
C ALA B 54 -17.91 1.40 -13.19
N ASP B 55 -18.75 2.25 -13.74
CA ASP B 55 -19.97 2.58 -13.04
C ASP B 55 -20.89 1.39 -12.90
N ARG B 56 -21.01 0.63 -13.97
CA ARG B 56 -21.75 -0.63 -13.86
C ARG B 56 -21.04 -1.70 -13.01
N GLU B 57 -19.71 -1.71 -12.95
CA GLU B 57 -19.03 -2.74 -12.15
C GLU B 57 -19.24 -2.47 -10.69
N LEU B 58 -19.29 -1.20 -10.33
CA LEU B 58 -19.45 -0.85 -8.94
C LEU B 58 -20.70 -1.42 -8.36
N VAL B 59 -21.75 -1.35 -9.14
CA VAL B 59 -23.01 -1.91 -8.68
C VAL B 59 -22.96 -3.38 -8.26
N HIS B 60 -22.16 -4.19 -8.98
CA HIS B 60 -21.97 -5.64 -8.75
C HIS B 60 -20.94 -5.84 -7.67
N MET B 61 -19.94 -4.97 -7.59
CA MET B 61 -18.96 -5.02 -6.50
C MET B 61 -19.68 -4.93 -5.19
N ILE B 62 -20.76 -4.15 -5.15
CA ILE B 62 -21.51 -3.95 -3.92
C ILE B 62 -22.23 -5.24 -3.53
N ASN B 63 -22.79 -5.91 -4.52
CA ASN B 63 -23.39 -7.20 -4.32
C ASN B 63 -22.35 -8.16 -3.85
N TRP B 64 -21.25 -8.25 -4.57
CA TRP B 64 -20.18 -9.17 -4.20
C TRP B 64 -19.75 -8.93 -2.74
N ALA B 65 -19.30 -7.73 -2.41
CA ALA B 65 -18.96 -7.31 -1.04
C ALA B 65 -19.96 -7.84 0.01
N LYS B 66 -21.26 -7.80 -0.31
CA LYS B 66 -22.31 -8.22 0.57
C LYS B 66 -22.25 -9.73 0.82
N ARG B 67 -21.68 -10.44 -0.15
CA ARG B 67 -21.52 -11.89 -0.07
C ARG B 67 -20.18 -12.33 0.52
N VAL B 68 -19.32 -11.35 0.81
CA VAL B 68 -18.05 -11.61 1.47
C VAL B 68 -18.29 -11.85 2.97
N PRO B 69 -17.86 -13.02 3.46
CA PRO B 69 -18.01 -13.39 4.87
C PRO B 69 -17.48 -12.35 5.87
N GLY B 70 -18.35 -11.98 6.80
CA GLY B 70 -18.00 -10.99 7.83
C GLY B 70 -18.46 -9.60 7.46
N PHE B 71 -18.52 -9.35 6.15
CA PHE B 71 -18.83 -8.02 5.69
C PHE B 71 -20.24 -7.61 6.08
N VAL B 72 -21.16 -8.56 5.93
CA VAL B 72 -22.56 -8.30 6.18
C VAL B 72 -22.83 -8.07 7.68
N ASP B 73 -21.95 -8.56 8.55
CA ASP B 73 -22.05 -8.28 9.98
C ASP B 73 -21.87 -6.81 10.30
N LEU B 74 -20.83 -6.20 9.75
CA LEU B 74 -20.49 -4.81 10.04
C LEU B 74 -21.67 -3.94 9.88
N THR B 75 -21.63 -2.78 10.53
CA THR B 75 -22.69 -1.80 10.38
C THR B 75 -22.73 -1.28 8.93
N LEU B 76 -23.64 -0.37 8.62
CA LEU B 76 -23.80 0.11 7.27
C LEU B 76 -22.77 1.18 7.02
N HIS B 77 -22.53 2.04 7.99
CA HIS B 77 -21.59 3.12 7.78
C HIS B 77 -20.21 2.53 7.70
N ASP B 78 -20.02 1.36 8.31
CA ASP B 78 -18.77 0.65 8.18
C ASP B 78 -18.50 0.04 6.82
N GLN B 79 -19.52 -0.61 6.28
CA GLN B 79 -19.50 -1.18 4.97
C GLN B 79 -19.34 -0.07 3.97
N VAL B 80 -20.04 1.04 4.15
CA VAL B 80 -19.81 2.20 3.28
C VAL B 80 -18.36 2.69 3.23
N HIS B 81 -17.79 2.93 4.39
CA HIS B 81 -16.43 3.34 4.51
C HIS B 81 -15.48 2.35 3.81
N LEU B 82 -15.71 1.07 4.04
CA LEU B 82 -14.83 0.08 3.46
C LEU B 82 -14.92 0.13 1.94
N LEU B 83 -16.11 0.32 1.39
CA LEU B 83 -16.24 0.33 -0.06
C LEU B 83 -15.71 1.60 -0.73
N GLU B 84 -15.90 2.75 -0.08
CA GLU B 84 -15.49 4.00 -0.68
C GLU B 84 -14.00 4.13 -0.56
N CYS B 85 -13.44 3.41 0.38
CA CYS B 85 -12.02 3.27 0.45
C CYS B 85 -11.42 2.32 -0.61
N ALA B 86 -12.06 1.16 -0.83
CA ALA B 86 -11.48 0.06 -1.56
C ALA B 86 -11.78 0.03 -3.02
N TRP B 87 -12.76 0.79 -3.46
CA TRP B 87 -13.38 0.51 -4.72
C TRP B 87 -12.46 0.46 -5.97
N LEU B 88 -11.51 1.36 -6.12
CA LEU B 88 -10.73 1.37 -7.32
C LEU B 88 -9.67 0.26 -7.24
N GLU B 89 -9.30 -0.07 -6.00
CA GLU B 89 -8.30 -1.12 -5.72
C GLU B 89 -8.94 -2.42 -6.14
N ILE B 90 -10.20 -2.58 -5.74
CA ILE B 90 -10.97 -3.73 -6.19
C ILE B 90 -11.19 -3.85 -7.72
N LEU B 91 -11.43 -2.73 -8.39
CA LEU B 91 -11.59 -2.76 -9.82
C LEU B 91 -10.22 -3.09 -10.43
N MET B 92 -9.15 -2.54 -9.89
CA MET B 92 -7.87 -2.75 -10.55
C MET B 92 -7.39 -4.19 -10.40
N ILE B 93 -7.55 -4.75 -9.19
CA ILE B 93 -7.17 -6.15 -8.95
C ILE B 93 -8.00 -7.09 -9.85
N GLY B 94 -9.26 -6.73 -10.14
CA GLY B 94 -10.11 -7.48 -11.08
C GLY B 94 -9.58 -7.28 -12.50
N LEU B 95 -9.14 -6.05 -12.83
CA LEU B 95 -8.57 -5.78 -14.11
C LEU B 95 -7.29 -6.60 -14.36
N VAL B 96 -6.36 -6.60 -13.40
CA VAL B 96 -5.13 -7.37 -13.53
C VAL B 96 -5.48 -8.88 -13.65
N TRP B 97 -6.41 -9.34 -12.85
CA TRP B 97 -6.84 -10.73 -12.98
C TRP B 97 -7.32 -11.07 -14.40
N ARG B 98 -8.26 -10.27 -14.91
CA ARG B 98 -8.83 -10.48 -16.23
C ARG B 98 -7.77 -10.40 -17.32
N SER B 99 -6.72 -9.62 -17.04
CA SER B 99 -5.72 -9.27 -18.01
C SER B 99 -4.52 -10.26 -18.07
N MET B 100 -4.40 -11.10 -17.05
CA MET B 100 -3.31 -12.07 -17.00
C MET B 100 -2.98 -12.72 -18.30
N GLU B 101 -3.92 -13.45 -18.88
CA GLU B 101 -3.54 -14.18 -20.08
C GLU B 101 -3.66 -13.37 -21.35
N HIS B 102 -3.50 -12.05 -21.21
CA HIS B 102 -3.13 -11.17 -22.31
C HIS B 102 -1.89 -10.34 -22.03
N PRO B 103 -0.70 -11.01 -22.07
CA PRO B 103 0.58 -10.35 -21.94
C PRO B 103 0.57 -8.97 -22.58
N GLY B 104 1.10 -7.98 -21.88
CA GLY B 104 1.25 -6.63 -22.46
C GLY B 104 -0.05 -5.88 -22.71
N LYS B 105 -1.18 -6.43 -22.31
CA LYS B 105 -2.45 -5.77 -22.55
C LYS B 105 -3.36 -5.74 -21.35
N LEU B 106 -4.33 -4.86 -21.38
CA LEU B 106 -5.25 -4.77 -20.27
C LEU B 106 -6.62 -5.05 -20.79
N LEU B 107 -7.30 -6.01 -20.19
CA LEU B 107 -8.62 -6.37 -20.72
C LEU B 107 -9.71 -5.76 -19.83
N PHE B 108 -10.13 -4.54 -20.15
CA PHE B 108 -11.20 -3.92 -19.39
C PHE B 108 -12.48 -4.71 -19.50
N ALA B 109 -12.77 -5.21 -20.70
CA ALA B 109 -13.98 -5.96 -20.93
C ALA B 109 -13.69 -6.90 -22.08
N PRO B 110 -14.40 -8.06 -22.16
CA PRO B 110 -14.19 -8.96 -23.31
C PRO B 110 -14.07 -8.25 -24.64
N ASN B 111 -14.80 -7.13 -24.82
CA ASN B 111 -14.82 -6.27 -26.05
C ASN B 111 -14.08 -4.92 -25.89
N LEU B 112 -13.15 -4.93 -24.94
CA LEU B 112 -12.39 -3.74 -24.65
C LEU B 112 -11.05 -4.12 -24.06
N LEU B 113 -10.15 -4.45 -24.99
CA LEU B 113 -8.79 -4.87 -24.74
C LEU B 113 -7.80 -3.80 -25.22
N LEU B 114 -7.17 -3.09 -24.31
CA LEU B 114 -6.26 -2.01 -24.67
C LEU B 114 -4.78 -2.44 -24.67
N ASP B 115 -3.99 -1.86 -25.57
CA ASP B 115 -2.59 -2.00 -25.40
C ASP B 115 -2.03 -0.67 -24.96
N ARG B 116 -0.80 -0.70 -24.47
CA ARG B 116 -0.20 0.44 -23.77
C ARG B 116 -0.39 1.77 -24.47
N ASN B 117 -0.24 1.80 -25.79
CA ASN B 117 -0.21 3.10 -26.42
C ASN B 117 -1.57 3.59 -26.85
N GLN B 118 -2.62 2.88 -26.46
CA GLN B 118 -3.95 3.52 -26.46
C GLN B 118 -4.05 4.35 -25.18
N GLY B 119 -3.12 4.08 -24.26
CA GLY B 119 -2.93 4.89 -23.05
C GLY B 119 -2.61 6.35 -23.33
N LYS B 120 -1.65 6.61 -24.22
CA LYS B 120 -1.13 7.99 -24.41
C LYS B 120 -2.23 9.02 -24.71
N CYS B 121 -3.42 8.54 -25.07
CA CYS B 121 -4.63 9.37 -25.18
C CYS B 121 -4.88 10.30 -23.97
N VAL B 122 -4.56 9.82 -22.77
CA VAL B 122 -5.02 10.42 -21.55
C VAL B 122 -3.87 10.64 -20.58
N GLU B 123 -3.16 11.76 -20.69
CA GLU B 123 -2.06 12.04 -19.74
C GLU B 123 -2.48 11.62 -18.33
N GLY B 124 -1.61 10.83 -17.71
CA GLY B 124 -1.96 10.13 -16.50
C GLY B 124 -1.96 8.62 -16.71
N MET B 125 -2.38 8.20 -17.88
CA MET B 125 -2.82 6.83 -18.05
C MET B 125 -1.73 5.84 -18.34
N VAL B 126 -0.70 6.22 -19.08
CA VAL B 126 0.35 5.26 -19.45
C VAL B 126 1.16 4.82 -18.20
N GLU B 127 1.34 5.78 -17.30
CA GLU B 127 1.98 5.57 -16.00
C GLU B 127 1.27 4.48 -15.24
N ILE B 128 -0.06 4.60 -15.09
CA ILE B 128 -0.84 3.58 -14.40
C ILE B 128 -0.87 2.29 -15.24
N PHE B 129 -1.06 2.44 -16.55
CA PHE B 129 -1.04 1.30 -17.45
C PHE B 129 0.10 0.44 -17.06
N ASP B 130 1.27 1.03 -17.00
CA ASP B 130 2.49 0.26 -16.77
C ASP B 130 2.55 -0.35 -15.38
N MET B 131 2.14 0.40 -14.38
CA MET B 131 1.94 -0.22 -13.07
C MET B 131 1.02 -1.49 -13.14
N LEU B 132 -0.09 -1.42 -13.89
CA LEU B 132 -0.97 -2.56 -13.94
C LEU B 132 -0.37 -3.68 -14.72
N LEU B 133 0.28 -3.38 -15.84
CA LEU B 133 0.98 -4.45 -16.54
C LEU B 133 2.06 -5.09 -15.73
N ALA B 134 2.81 -4.34 -14.94
CA ALA B 134 3.83 -5.01 -14.15
C ALA B 134 3.16 -5.96 -13.14
N THR B 135 2.04 -5.54 -12.54
CA THR B 135 1.31 -6.37 -11.57
C THR B 135 0.75 -7.61 -12.24
N SER B 136 0.13 -7.41 -13.41
CA SER B 136 -0.33 -8.52 -14.25
C SER B 136 0.80 -9.50 -14.50
N SER B 137 1.98 -8.98 -14.86
CA SER B 137 3.10 -9.84 -15.13
C SER B 137 3.50 -10.59 -13.85
N ARG B 138 3.51 -9.87 -12.74
CA ARG B 138 3.83 -10.47 -11.47
C ARG B 138 2.88 -11.62 -11.08
N PHE B 139 1.60 -11.44 -11.28
CA PHE B 139 0.61 -12.43 -10.94
C PHE B 139 0.78 -13.62 -11.81
N ARG B 140 1.15 -13.37 -13.07
CA ARG B 140 1.42 -14.45 -14.04
C ARG B 140 2.70 -15.23 -13.67
N MET B 141 3.71 -14.51 -13.21
CA MET B 141 4.99 -15.09 -12.78
C MET B 141 4.83 -16.12 -11.70
N MET B 142 4.03 -15.78 -10.69
CA MET B 142 3.78 -16.61 -9.54
C MET B 142 2.66 -17.56 -9.83
N ASN B 143 2.08 -17.39 -11.01
CA ASN B 143 0.91 -18.14 -11.42
C ASN B 143 -0.27 -18.14 -10.41
N LEU B 144 -0.80 -16.96 -10.16
CA LEU B 144 -1.88 -16.82 -9.22
C LEU B 144 -3.08 -17.76 -9.51
N GLN B 145 -3.63 -18.39 -8.51
CA GLN B 145 -4.81 -19.21 -8.74
C GLN B 145 -6.03 -18.40 -8.48
N GLY B 146 -7.13 -18.72 -9.17
CA GLY B 146 -8.41 -18.10 -8.91
C GLY B 146 -8.83 -18.13 -7.44
N GLU B 147 -8.56 -19.24 -6.75
CA GLU B 147 -8.82 -19.31 -5.33
C GLU B 147 -8.01 -18.29 -4.52
N GLU B 148 -6.76 -18.06 -4.87
CA GLU B 148 -5.94 -17.09 -4.13
C GLU B 148 -6.42 -15.69 -4.43
N PHE B 149 -6.70 -15.46 -5.69
CA PHE B 149 -7.27 -14.18 -6.13
C PHE B 149 -8.53 -13.69 -5.37
N VAL B 150 -9.50 -14.55 -5.17
CA VAL B 150 -10.75 -14.14 -4.50
C VAL B 150 -10.43 -13.83 -3.06
N CYS B 151 -9.43 -14.49 -2.51
CA CYS B 151 -8.92 -14.12 -1.18
C CYS B 151 -8.27 -12.73 -1.15
N LEU B 152 -7.33 -12.52 -2.08
CA LEU B 152 -6.69 -11.24 -2.27
C LEU B 152 -7.67 -10.14 -2.34
N LYS B 153 -8.65 -10.29 -3.21
CA LYS B 153 -9.71 -9.32 -3.35
C LYS B 153 -10.46 -9.08 -2.04
N SER B 154 -10.64 -10.07 -1.17
CA SER B 154 -11.39 -9.79 0.06
C SER B 154 -10.51 -9.08 1.10
N ILE B 155 -9.21 -9.40 1.13
CA ILE B 155 -8.33 -8.77 2.08
C ILE B 155 -8.50 -7.31 1.72
N ILE B 156 -8.24 -6.96 0.46
CA ILE B 156 -8.33 -5.54 -0.01
C ILE B 156 -9.61 -4.86 0.47
N LEU B 157 -10.77 -5.48 0.29
CA LEU B 157 -12.00 -4.88 0.78
C LEU B 157 -11.97 -4.67 2.30
N LEU B 158 -11.53 -5.67 3.06
CA LEU B 158 -11.53 -5.61 4.54
C LEU B 158 -10.39 -4.81 5.17
N ASN B 159 -9.22 -4.83 4.56
CA ASN B 159 -8.07 -4.09 5.07
C ASN B 159 -8.05 -2.60 4.70
N SER B 160 -8.37 -2.28 3.45
CA SER B 160 -8.04 -0.97 2.90
C SER B 160 -8.57 0.23 3.64
N GLY B 161 -9.60 0.02 4.45
CA GLY B 161 -10.24 1.10 5.15
C GLY B 161 -10.34 0.80 6.61
N VAL B 162 -9.69 -0.27 7.06
CA VAL B 162 -9.79 -0.73 8.45
C VAL B 162 -9.22 0.24 9.51
N TYR B 163 -8.12 0.91 9.19
CA TYR B 163 -7.44 1.77 10.17
C TYR B 163 -7.92 3.19 10.12
N THR B 164 -8.50 3.55 8.97
CA THR B 164 -9.14 4.85 8.84
C THR B 164 -10.56 4.81 9.43
N PHE B 165 -10.81 3.89 10.36
CA PHE B 165 -12.03 3.90 11.21
C PHE B 165 -11.96 5.03 12.27
N ASP B 177 -12.03 -5.47 15.48
CA ASP B 177 -11.55 -6.76 15.99
C ASP B 177 -12.14 -7.86 15.15
N HIS B 178 -13.40 -7.64 14.78
CA HIS B 178 -14.08 -8.60 14.04
C HIS B 178 -13.42 -8.67 12.65
N ILE B 179 -13.18 -7.51 12.07
CA ILE B 179 -12.51 -7.40 10.78
C ILE B 179 -11.17 -8.16 10.79
N HIS B 180 -10.44 -8.05 11.88
CA HIS B 180 -9.15 -8.70 11.99
C HIS B 180 -9.32 -10.18 12.14
N ARG B 181 -10.36 -10.59 12.85
CA ARG B 181 -10.71 -12.01 12.98
C ARG B 181 -10.94 -12.55 11.59
N VAL B 182 -11.66 -11.78 10.80
CA VAL B 182 -11.97 -12.23 9.47
C VAL B 182 -10.74 -12.26 8.61
N LEU B 183 -9.90 -11.25 8.71
CA LEU B 183 -8.67 -11.21 7.95
C LEU B 183 -7.76 -12.38 8.33
N ASP B 184 -7.83 -12.80 9.60
CA ASP B 184 -7.08 -13.95 10.00
C ASP B 184 -7.59 -15.18 9.29
N LYS B 185 -8.92 -15.38 9.22
CA LYS B 185 -9.42 -16.58 8.57
C LYS B 185 -8.94 -16.59 7.12
N ILE B 186 -8.94 -15.40 6.54
CA ILE B 186 -8.65 -15.29 5.13
C ILE B 186 -7.20 -15.70 4.94
N THR B 187 -6.34 -15.31 5.88
CA THR B 187 -4.95 -15.74 5.86
C THR B 187 -4.87 -17.23 6.03
N ASP B 188 -5.61 -17.78 6.99
CA ASP B 188 -5.58 -19.23 7.13
C ASP B 188 -5.97 -19.90 5.78
N THR B 189 -7.05 -19.42 5.15
CA THR B 189 -7.50 -19.94 3.87
C THR B 189 -6.40 -19.91 2.82
N LEU B 190 -5.78 -18.75 2.71
CA LEU B 190 -4.73 -18.57 1.77
C LEU B 190 -3.67 -19.63 2.01
N ILE B 191 -3.23 -19.77 3.25
CA ILE B 191 -2.19 -20.76 3.53
C ILE B 191 -2.61 -22.23 3.24
N HIS B 192 -3.84 -22.61 3.56
CA HIS B 192 -4.30 -23.97 3.29
C HIS B 192 -4.31 -24.24 1.78
N LEU B 193 -4.64 -23.24 0.95
CA LEU B 193 -4.60 -23.46 -0.47
C LEU B 193 -3.18 -23.71 -0.95
N MET B 194 -2.21 -23.07 -0.31
CA MET B 194 -0.82 -23.23 -0.72
C MET B 194 -0.30 -24.60 -0.31
N ALA B 195 -0.66 -24.99 0.90
CA ALA B 195 -0.35 -26.34 1.40
C ALA B 195 -0.97 -27.40 0.48
N LYS B 196 -2.24 -27.21 0.12
CA LYS B 196 -2.96 -28.08 -0.80
C LYS B 196 -2.32 -28.06 -2.16
N ALA B 197 -1.79 -26.93 -2.62
CA ALA B 197 -1.08 -26.92 -3.92
C ALA B 197 0.27 -27.62 -3.84
N GLY B 198 0.65 -28.10 -2.66
CA GLY B 198 1.93 -28.73 -2.41
C GLY B 198 3.10 -27.87 -1.98
N LEU B 199 2.87 -26.60 -1.63
CA LEU B 199 3.99 -25.74 -1.27
C LEU B 199 4.67 -26.16 0.06
N THR B 200 6.00 -26.06 0.11
CA THR B 200 6.69 -26.31 1.39
C THR B 200 6.39 -25.22 2.46
N LEU B 201 6.44 -25.55 3.73
CA LEU B 201 6.07 -24.57 4.77
C LEU B 201 6.82 -23.24 4.58
N GLN B 202 8.02 -23.32 4.04
CA GLN B 202 8.87 -22.18 3.82
C GLN B 202 8.35 -21.46 2.64
N GLN B 203 8.00 -22.20 1.60
CA GLN B 203 7.38 -21.60 0.42
C GLN B 203 6.07 -20.93 0.80
N GLN B 204 5.33 -21.51 1.73
CA GLN B 204 4.04 -20.97 2.05
C GLN B 204 4.16 -19.54 2.48
N HIS B 205 4.97 -19.27 3.50
CA HIS B 205 5.07 -17.91 4.00
C HIS B 205 5.77 -16.92 3.07
N GLN B 206 6.63 -17.40 2.18
CA GLN B 206 7.23 -16.52 1.21
C GLN B 206 6.24 -16.11 0.13
N ARG B 207 5.44 -17.04 -0.34
CA ARG B 207 4.35 -16.73 -1.24
C ARG B 207 3.32 -15.80 -0.57
N LEU B 208 2.79 -16.18 0.58
CA LEU B 208 1.81 -15.34 1.27
C LEU B 208 2.35 -13.93 1.29
N ALA B 209 3.59 -13.79 1.76
CA ALA B 209 4.22 -12.50 1.86
C ALA B 209 4.30 -11.80 0.54
N GLN B 210 4.80 -12.44 -0.51
CA GLN B 210 4.94 -11.66 -1.72
C GLN B 210 3.56 -11.26 -2.32
N LEU B 211 2.50 -12.01 -2.00
CA LEU B 211 1.16 -11.58 -2.38
C LEU B 211 0.70 -10.40 -1.52
N LEU B 212 0.96 -10.43 -0.20
CA LEU B 212 0.51 -9.27 0.57
C LEU B 212 1.31 -8.06 0.14
N LEU B 213 2.54 -8.31 -0.32
CA LEU B 213 3.37 -7.22 -0.76
C LEU B 213 2.83 -6.56 -1.99
N ILE B 214 2.31 -7.32 -2.93
CA ILE B 214 1.57 -6.73 -4.05
C ILE B 214 0.38 -5.78 -3.70
N LEU B 215 -0.37 -6.05 -2.61
CA LEU B 215 -1.42 -5.14 -2.14
C LEU B 215 -0.93 -3.72 -1.98
N SER B 216 0.31 -3.54 -1.60
CA SER B 216 0.81 -2.21 -1.40
C SER B 216 0.97 -1.56 -2.74
N HIS B 217 1.27 -2.33 -3.79
CA HIS B 217 1.36 -1.77 -5.14
C HIS B 217 0.02 -1.44 -5.70
N ILE B 218 -0.97 -2.30 -5.43
CA ILE B 218 -2.35 -2.03 -5.84
C ILE B 218 -2.80 -0.72 -5.16
N ARG B 219 -2.60 -0.59 -3.84
CA ARG B 219 -2.97 0.67 -3.18
C ARG B 219 -2.30 1.93 -3.89
N HIS B 220 -1.01 1.84 -4.14
CA HIS B 220 -0.31 2.92 -4.80
C HIS B 220 -1.01 3.23 -6.12
N MET B 221 -1.22 2.20 -6.94
CA MET B 221 -1.89 2.34 -8.20
C MET B 221 -3.25 2.96 -8.06
N SER B 222 -3.98 2.61 -7.01
CA SER B 222 -5.30 3.16 -6.82
C SER B 222 -5.19 4.66 -6.48
N ASN B 223 -4.26 5.03 -5.60
CA ASN B 223 -3.99 6.44 -5.24
C ASN B 223 -3.64 7.31 -6.45
N LYS B 224 -2.76 6.81 -7.35
CA LYS B 224 -2.48 7.49 -8.62
C LYS B 224 -3.71 7.63 -9.54
N GLY B 225 -4.51 6.57 -9.66
CA GLY B 225 -5.70 6.57 -10.47
C GLY B 225 -6.69 7.52 -9.87
N MET B 226 -6.94 7.44 -8.59
CA MET B 226 -7.90 8.34 -7.95
C MET B 226 -7.58 9.77 -8.32
N GLU B 227 -6.29 10.06 -8.41
CA GLU B 227 -5.84 11.43 -8.51
C GLU B 227 -5.95 11.93 -9.93
N HIS B 228 -5.65 11.09 -10.93
CA HIS B 228 -5.75 11.53 -12.32
C HIS B 228 -7.22 11.65 -12.67
N LEU B 229 -8.03 10.79 -12.06
CA LEU B 229 -9.49 10.81 -12.17
C LEU B 229 -10.03 12.16 -11.70
N TYR B 230 -9.53 12.65 -10.58
CA TYR B 230 -9.96 13.90 -10.03
C TYR B 230 -9.55 15.07 -10.91
N SER B 231 -8.40 14.97 -11.53
CA SER B 231 -7.98 16.01 -12.43
C SER B 231 -8.82 16.01 -13.71
N MET B 232 -9.29 14.82 -14.07
CA MET B 232 -10.18 14.63 -15.22
C MET B 232 -11.52 15.24 -14.95
N LYS B 233 -12.08 15.01 -13.77
CA LYS B 233 -13.34 15.59 -13.38
C LYS B 233 -13.18 17.08 -13.44
N CYS B 234 -12.05 17.59 -12.96
CA CYS B 234 -11.78 19.04 -12.93
C CYS B 234 -11.54 19.65 -14.30
N LYS B 235 -10.88 18.91 -15.18
CA LYS B 235 -10.71 19.44 -16.54
C LYS B 235 -11.98 19.27 -17.41
N ASN B 236 -12.98 18.59 -16.85
CA ASN B 236 -14.26 18.40 -17.49
C ASN B 236 -14.12 17.50 -18.68
N VAL B 237 -13.46 16.35 -18.53
CA VAL B 237 -13.20 15.57 -19.72
C VAL B 237 -14.43 14.74 -20.08
N VAL B 238 -15.11 14.23 -19.07
CA VAL B 238 -16.29 13.42 -19.28
C VAL B 238 -17.23 13.63 -18.11
N PRO B 239 -18.51 13.34 -18.29
CA PRO B 239 -19.29 13.37 -17.06
C PRO B 239 -19.12 12.07 -16.27
N LEU B 240 -18.95 12.20 -14.96
CA LEU B 240 -18.86 11.08 -14.02
C LEU B 240 -20.24 10.72 -13.55
N SER B 241 -20.52 9.47 -13.25
CA SER B 241 -21.86 9.14 -12.74
C SER B 241 -22.06 9.53 -11.27
N ASP B 242 -23.30 9.62 -10.82
CA ASP B 242 -23.55 10.05 -9.45
C ASP B 242 -22.89 9.20 -8.36
N LEU B 243 -22.91 7.90 -8.59
CA LEU B 243 -22.24 6.95 -7.74
C LEU B 243 -20.74 7.26 -7.68
N LEU B 244 -20.13 7.47 -8.85
CA LEU B 244 -18.72 7.79 -9.00
C LEU B 244 -18.35 9.15 -8.37
N LEU B 245 -19.17 10.18 -8.57
CA LEU B 245 -18.93 11.42 -7.83
C LEU B 245 -18.86 11.16 -6.30
N GLU B 246 -19.79 10.35 -5.78
CA GLU B 246 -19.81 10.04 -4.37
C GLU B 246 -18.54 9.32 -3.89
N MET B 247 -18.05 8.40 -4.73
CA MET B 247 -16.87 7.60 -4.44
C MET B 247 -15.65 8.50 -4.44
N LEU B 248 -15.50 9.27 -5.53
CA LEU B 248 -14.33 10.10 -5.68
C LEU B 248 -14.30 11.12 -4.56
N ASP B 249 -15.43 11.78 -4.37
CA ASP B 249 -15.61 12.73 -3.27
C ASP B 249 -15.05 12.26 -1.93
N ALA B 250 -15.35 11.01 -1.55
CA ALA B 250 -14.75 10.33 -0.39
C ALA B 250 -13.22 10.46 -0.26
N HIS B 251 -12.49 10.52 -1.38
CA HIS B 251 -11.03 10.66 -1.38
C HIS B 251 -10.47 12.11 -1.42
N HIS C 2 23.33 14.52 -12.02
CA HIS C 2 23.88 14.64 -10.65
C HIS C 2 22.86 15.14 -9.57
N LYS C 3 21.90 14.28 -9.26
CA LYS C 3 21.01 14.52 -8.16
C LYS C 3 21.84 14.55 -6.90
N ILE C 4 21.43 15.34 -5.92
CA ILE C 4 22.07 15.36 -4.61
C ILE C 4 22.02 13.99 -3.94
N LEU C 5 20.93 13.26 -4.20
CA LEU C 5 20.77 11.86 -3.82
C LEU C 5 21.87 10.96 -4.40
N HIS C 6 22.20 11.18 -5.68
CA HIS C 6 23.32 10.51 -6.34
C HIS C 6 24.62 10.57 -5.56
N ARG C 7 25.06 11.82 -5.27
CA ARG C 7 26.29 12.05 -4.52
C ARG C 7 26.30 11.33 -3.18
N LEU C 8 25.23 11.51 -2.39
CA LEU C 8 25.13 10.87 -1.06
C LEU C 8 25.26 9.35 -1.10
N LEU C 9 24.62 8.72 -2.07
CA LEU C 9 24.74 7.27 -2.30
C LEU C 9 26.11 6.82 -2.80
N GLN C 10 26.82 7.70 -3.49
CA GLN C 10 28.17 7.36 -3.98
C GLN C 10 29.24 7.43 -2.89
N ASP C 11 28.99 8.28 -1.91
CA ASP C 11 29.95 8.55 -0.83
C ASP C 11 29.27 8.61 0.54
N HIS D 2 -28.81 10.65 1.65
CA HIS D 2 -29.36 10.23 0.34
C HIS D 2 -28.27 9.78 -0.63
N LYS D 3 -27.14 9.29 -0.13
CA LYS D 3 -26.10 8.88 -1.06
C LYS D 3 -26.39 7.50 -1.69
N ILE D 4 -26.18 7.41 -2.99
CA ILE D 4 -26.40 6.19 -3.77
C ILE D 4 -25.79 4.94 -3.12
N LEU D 5 -24.64 5.09 -2.46
CA LEU D 5 -24.00 3.93 -1.93
C LEU D 5 -24.85 3.27 -0.83
N HIS D 6 -25.44 4.09 0.05
CA HIS D 6 -26.42 3.60 1.02
C HIS D 6 -27.49 2.70 0.37
N ARG D 7 -28.05 3.23 -0.71
CA ARG D 7 -29.23 2.64 -1.33
C ARG D 7 -28.91 1.24 -1.80
N LEU D 8 -27.82 1.12 -2.58
CA LEU D 8 -27.41 -0.10 -3.21
C LEU D 8 -26.96 -1.21 -2.26
N LEU D 9 -26.55 -0.83 -1.05
CA LEU D 9 -26.13 -1.78 -0.03
C LEU D 9 -27.29 -2.34 0.74
N GLN D 10 -28.30 -1.49 0.90
CA GLN D 10 -29.43 -1.76 1.75
C GLN D 10 -30.31 -2.95 1.40
N ASP D 11 -30.30 -3.36 0.14
CA ASP D 11 -31.10 -4.52 -0.29
C ASP D 11 -30.52 -5.86 0.18
CAI ODE E . 7.10 12.55 8.48
CAN ODE E . 8.18 12.13 9.28
CAV ODE E . 9.17 13.08 9.56
OAZ ODE E . 10.26 12.74 10.27
CAO ODE E . 9.08 14.38 9.09
CAL ODE E . 7.99 14.79 8.33
CAF ODE E . 7.00 13.88 8.02
CAA ODE E . 5.92 14.29 7.25
CAC ODE E . 4.54 13.62 7.08
OBC ODE E . 4.51 13.84 5.60
CAD ODE E . 3.23 14.30 7.44
CAR ODE E . 3.50 15.10 8.64
OBD ODE E . 4.33 16.01 8.54
OBA ODE E . 2.82 14.83 9.79
CAJ ODE E . 1.50 14.37 9.56
CAU ODE E . 1.13 14.65 11.03
CAK ODE E . 3.00 15.27 6.24
CAQ ODE E . 2.25 16.61 6.57
OAY ODE E . 1.92 16.87 7.73
OBB ODE E . 1.82 17.56 5.66
CAS ODE E . 2.80 17.83 4.63
CAG ODE E . 3.00 16.56 3.78
CAE ODE E . 4.46 15.29 5.63
CAB ODE E . 5.86 15.35 6.33
CAH ODE E . 6.86 16.21 5.88
CAM ODE E . 6.81 17.59 6.02
CAW ODE E . 7.79 18.40 5.44
CAT ODE E . 8.82 17.81 4.71
OBE ODE E . 9.77 18.62 4.18
CAX ODE E . 8.87 16.42 4.54
CAP ODE E . 7.88 15.63 5.11
CAI ODE F . -10.03 0.46 -13.72
CAN ODE F . -10.76 -0.72 -13.83
CAV ODE F . -11.95 -0.70 -14.50
OAZ ODE F . -12.63 -1.86 -14.63
CAO ODE F . -12.43 0.48 -15.03
CAL ODE F . -11.72 1.67 -14.91
CAF ODE F . -10.49 1.65 -14.27
CAA ODE F . -9.71 2.76 -14.01
CAC ODE F . -8.29 2.73 -13.49
OBC ODE F . -8.46 3.78 -12.46
CAD ODE F . -7.19 3.41 -14.29
CAR ODE F . -7.40 3.30 -15.74
OBD ODE F . -8.49 3.64 -16.20
OBA ODE F . -6.40 2.89 -16.54
CAJ ODE F . -5.33 2.48 -15.82
CAU ODE F . -4.35 2.68 -16.99
CAK ODE F . -7.40 4.91 -13.94
CAQ ODE F . -7.14 5.99 -15.07
OAY ODE F . -6.37 5.75 -15.99
OBB ODE F . -7.75 7.24 -14.97
CAS ODE F . -7.04 8.45 -15.51
CAG ODE F . -5.55 8.20 -15.87
CAE ODE F . -8.82 4.86 -13.35
CAB ODE F . -10.05 4.12 -13.93
CAH ODE F . -11.23 4.81 -14.13
CAM ODE F . -11.47 5.59 -15.27
CAW ODE F . -12.66 6.31 -15.35
CAT ODE F . -13.58 6.25 -14.29
OBE ODE F . -14.74 6.95 -14.39
CAX ODE F . -13.34 5.48 -13.16
CAP ODE F . -12.17 4.78 -13.09
#